data_9BHI
#
_entry.id   9BHI
#
_cell.length_a   79.555
_cell.length_b   79.555
_cell.length_c   135.422
_cell.angle_alpha   90
_cell.angle_beta   90
_cell.angle_gamma   90
#
_symmetry.space_group_name_H-M   'P 43 21 2'
#
loop_
_entity.id
_entity.type
_entity.pdbx_description
1 polymer 'Mer tyrosine kinase domain'
2 non-polymer "(5P)-2-amino-5-(1-methyl-1H-pyrazol-4-yl)-N-{(1R,2S)-2-[(4'-{2-[4-(2-oxoethyl)piperazin-1-yl]propan-2-yl}[1,1'-biphenyl]-4-yl)methoxy]cyclopentyl}pyridine-3-carboxamide"
3 non-polymer 'CHLORIDE ION'
4 water water
#
_entity_poly.entity_id   1
_entity_poly.type   'polypeptide(L)'
_entity_poly.pdbx_seq_one_letter_code
;MSYYHHHHHHDYDIPTTENLYFQGAMDPEDVVIDRNLLILGKILGEGEFGSVMEGNLKQEDGTSLKVAVKTMKLDNSSQR
EIEEFLSEAACMKDFSHPNVIRLLGVCIEMSSQGIPKPMVILPFMKYGDLHTYLLYSRLETGPKHIPLQTLLKFMVDIAL
GMEYLSNRNFLHRDLAARNCMLRDDMTVCVADFGLSKKIYSGDYYRQGRIAKMPVKWIAIESLADRVYTSKSDVWAFGVT
MWEIATRGMTPYPGVQNHEMYDYLLHGHRLKQPEDCLDELYEIMYSCWRTDPLDRPTFSVLRLQLEKLLESLPDVRNQAD
VIY
;
_entity_poly.pdbx_strand_id   A
#
# COMPACT_ATOMS: atom_id res chain seq x y z
N ALA A 25 6.89 15.41 23.92
CA ALA A 25 7.00 14.03 23.45
C ALA A 25 7.35 13.09 24.60
N MET A 26 6.35 12.46 25.21
CA MET A 26 6.58 11.54 26.32
C MET A 26 7.20 10.22 25.84
N ASP A 27 6.61 9.62 24.77
CA ASP A 27 7.00 8.36 24.13
C ASP A 27 7.17 7.17 25.10
N PRO A 28 6.06 6.61 25.63
CA PRO A 28 6.19 5.45 26.53
C PRO A 28 6.49 4.12 25.81
N GLU A 29 6.26 4.07 24.48
CA GLU A 29 6.50 2.84 23.72
C GLU A 29 7.90 2.71 23.11
N ASP A 30 8.81 3.68 23.38
CA ASP A 30 10.20 3.68 22.93
C ASP A 30 10.40 3.51 21.41
N VAL A 31 9.57 4.20 20.61
CA VAL A 31 9.62 4.12 19.16
C VAL A 31 10.54 5.18 18.52
N VAL A 32 10.89 6.24 19.27
CA VAL A 32 11.73 7.30 18.75
C VAL A 32 13.20 6.89 18.68
N ILE A 33 13.84 7.22 17.56
CA ILE A 33 15.25 6.99 17.27
C ILE A 33 15.93 8.37 17.35
N ASP A 34 17.11 8.46 18.01
CA ASP A 34 17.88 9.70 18.12
C ASP A 34 18.19 10.26 16.72
N ARG A 35 17.79 11.50 16.45
CA ARG A 35 17.97 12.15 15.15
C ARG A 35 19.42 12.15 14.68
N ASN A 36 20.37 12.32 15.62
CA ASN A 36 21.80 12.37 15.30
C ASN A 36 22.33 11.06 14.70
N LEU A 37 21.66 9.93 14.98
CA LEU A 37 22.06 8.64 14.42
C LEU A 37 21.67 8.50 12.94
N LEU A 38 20.92 9.46 12.37
CA LEU A 38 20.47 9.37 11.01
C LEU A 38 21.15 10.37 10.11
N ILE A 39 21.65 9.90 8.98
CA ILE A 39 22.30 10.75 7.99
C ILE A 39 21.41 10.76 6.75
N LEU A 40 20.86 11.91 6.37
CA LEU A 40 20.01 12.00 5.20
C LEU A 40 20.80 12.01 3.90
N GLY A 41 20.24 11.40 2.86
CA GLY A 41 20.85 11.32 1.54
C GLY A 41 19.96 11.89 0.46
N LYS A 42 19.99 11.30 -0.73
CA LYS A 42 19.21 11.78 -1.86
C LYS A 42 17.68 11.58 -1.74
N ILE A 43 16.91 12.48 -2.34
CA ILE A 43 15.47 12.39 -2.37
C ILE A 43 15.08 11.41 -3.49
N LEU A 44 14.30 10.38 -3.16
CA LEU A 44 13.85 9.36 -4.09
C LEU A 44 12.53 9.73 -4.76
N GLY A 45 11.69 10.47 -4.07
CA GLY A 45 10.39 10.92 -4.57
C GLY A 45 9.80 12.02 -3.72
N GLU A 46 9.05 12.94 -4.35
CA GLU A 46 8.43 14.08 -3.66
C GLU A 46 6.97 14.23 -4.08
N GLY A 47 6.13 14.55 -3.11
CA GLY A 47 4.71 14.75 -3.32
C GLY A 47 4.15 15.88 -2.49
N GLU A 48 2.84 16.14 -2.62
CA GLU A 48 2.20 17.22 -1.85
C GLU A 48 2.16 16.94 -0.34
N PHE A 49 2.16 15.67 0.05
CA PHE A 49 2.07 15.30 1.46
C PHE A 49 3.37 14.78 2.08
N GLY A 50 4.50 14.96 1.40
CA GLY A 50 5.78 14.52 1.92
C GLY A 50 6.76 13.99 0.89
N SER A 51 7.85 13.40 1.37
CA SER A 51 8.89 12.91 0.47
C SER A 51 9.56 11.63 1.01
N VAL A 52 10.21 10.87 0.13
CA VAL A 52 10.93 9.67 0.54
C VAL A 52 12.42 9.91 0.26
N MET A 53 13.28 9.67 1.25
CA MET A 53 14.71 9.89 1.09
C MET A 53 15.52 8.66 1.42
N GLU A 54 16.64 8.55 0.77
CA GLU A 54 17.63 7.53 1.06
C GLU A 54 18.34 8.02 2.35
N GLY A 55 18.78 7.09 3.19
CA GLY A 55 19.45 7.45 4.44
C GLY A 55 20.29 6.36 5.03
N ASN A 56 21.10 6.73 6.01
CA ASN A 56 21.93 5.77 6.71
C ASN A 56 21.71 5.92 8.20
N LEU A 57 21.51 4.80 8.88
CA LEU A 57 21.24 4.79 10.30
C LEU A 57 22.39 4.13 11.04
N LYS A 58 23.15 4.91 11.81
CA LYS A 58 24.28 4.41 12.60
C LYS A 58 23.78 3.41 13.65
N GLN A 59 24.21 2.15 13.55
CA GLN A 59 23.77 1.13 14.50
C GLN A 59 24.68 1.05 15.74
N GLU A 60 24.24 0.31 16.78
CA GLU A 60 24.97 0.16 18.04
C GLU A 60 26.45 -0.24 17.88
N ASP A 61 26.76 -1.09 16.90
CA ASP A 61 28.13 -1.56 16.68
C ASP A 61 28.95 -0.69 15.70
N GLY A 62 28.53 0.55 15.46
CA GLY A 62 29.23 1.47 14.57
C GLY A 62 28.97 1.31 13.09
N THR A 63 28.43 0.16 12.67
CA THR A 63 28.13 -0.12 11.25
C THR A 63 26.85 0.60 10.83
N SER A 64 26.86 1.32 9.68
CA SER A 64 25.68 2.01 9.19
C SER A 64 24.69 1.09 8.47
N LEU A 65 23.40 1.43 8.51
CA LEU A 65 22.37 0.63 7.87
C LEU A 65 21.66 1.46 6.81
N LYS A 66 21.50 0.91 5.58
CA LYS A 66 20.80 1.65 4.52
C LYS A 66 19.30 1.61 4.78
N VAL A 67 18.67 2.79 4.89
CA VAL A 67 17.24 2.89 5.18
C VAL A 67 16.54 3.93 4.27
N ALA A 68 15.21 3.90 4.24
CA ALA A 68 14.40 4.89 3.56
C ALA A 68 13.74 5.76 4.65
N VAL A 69 13.59 7.04 4.40
CA VAL A 69 13.02 7.96 5.36
C VAL A 69 11.82 8.64 4.73
N LYS A 70 10.65 8.50 5.35
CA LYS A 70 9.46 9.12 4.83
C LYS A 70 9.15 10.36 5.68
N THR A 71 9.15 11.54 5.06
CA THR A 71 8.80 12.77 5.74
C THR A 71 7.36 13.14 5.41
N MET A 72 6.75 13.96 6.28
CA MET A 72 5.38 14.40 6.04
C MET A 72 5.23 15.89 6.27
N LYS A 73 4.68 16.57 5.26
CA LYS A 73 4.47 18.00 5.32
C LYS A 73 3.14 18.24 6.04
N LEU A 74 3.21 18.39 7.37
CA LEU A 74 2.04 18.57 8.23
C LEU A 74 1.46 19.99 8.08
N SER A 77 0.61 21.19 13.95
CA SER A 77 1.25 20.20 14.81
C SER A 77 1.04 20.52 16.30
N SER A 78 1.20 19.50 17.17
CA SER A 78 1.06 19.62 18.63
C SER A 78 1.74 18.46 19.36
N GLN A 79 1.96 18.59 20.68
CA GLN A 79 2.59 17.53 21.45
C GLN A 79 1.68 16.31 21.53
N ARG A 80 0.35 16.52 21.68
CA ARG A 80 -0.60 15.42 21.75
C ARG A 80 -0.70 14.73 20.39
N GLU A 81 -0.67 15.50 19.29
CA GLU A 81 -0.70 14.93 17.95
C GLU A 81 0.54 14.07 17.72
N ILE A 82 1.74 14.54 18.15
CA ILE A 82 2.96 13.76 17.95
C ILE A 82 2.96 12.53 18.87
N GLU A 83 2.46 12.65 20.10
CA GLU A 83 2.37 11.52 21.03
C GLU A 83 1.39 10.43 20.51
N GLU A 84 0.29 10.86 19.90
CA GLU A 84 -0.69 9.95 19.29
C GLU A 84 -0.02 9.26 18.06
N PHE A 85 0.74 10.03 17.28
CA PHE A 85 1.51 9.62 16.11
C PHE A 85 2.52 8.52 16.50
N LEU A 86 3.20 8.70 17.65
CA LEU A 86 4.19 7.74 18.14
C LEU A 86 3.53 6.47 18.66
N SER A 87 2.31 6.57 19.23
CA SER A 87 1.59 5.39 19.69
C SER A 87 1.18 4.57 18.47
N GLU A 88 0.72 5.25 17.39
CA GLU A 88 0.37 4.57 16.15
C GLU A 88 1.61 3.90 15.55
N ALA A 89 2.77 4.59 15.58
CA ALA A 89 4.04 4.08 15.03
C ALA A 89 4.49 2.84 15.81
N ALA A 90 4.36 2.88 17.13
CA ALA A 90 4.70 1.76 18.00
C ALA A 90 3.88 0.53 17.66
N CYS A 91 2.60 0.71 17.33
CA CYS A 91 1.75 -0.41 16.95
C CYS A 91 2.20 -1.02 15.58
N MET A 92 2.53 -0.16 14.59
CA MET A 92 3.01 -0.61 13.27
C MET A 92 4.40 -1.24 13.35
N LYS A 93 5.23 -0.80 14.30
CA LYS A 93 6.55 -1.40 14.53
C LYS A 93 6.41 -2.89 14.94
N ASP A 94 5.26 -3.28 15.53
CA ASP A 94 5.04 -4.68 15.91
C ASP A 94 4.46 -5.54 14.77
N PHE A 95 4.31 -4.99 13.54
CA PHE A 95 3.82 -5.80 12.42
C PHE A 95 4.90 -6.80 12.06
N SER A 96 4.58 -8.09 12.09
CA SER A 96 5.54 -9.13 11.78
C SER A 96 4.95 -10.08 10.74
N HIS A 97 5.17 -9.76 9.46
CA HIS A 97 4.67 -10.55 8.33
C HIS A 97 5.55 -10.23 7.14
N PRO A 98 5.96 -11.24 6.35
CA PRO A 98 6.85 -10.97 5.21
C PRO A 98 6.25 -10.07 4.13
N ASN A 99 4.92 -9.99 4.06
CA ASN A 99 4.23 -9.17 3.07
C ASN A 99 3.72 -7.83 3.62
N VAL A 100 4.30 -7.35 4.72
CA VAL A 100 3.96 -6.08 5.32
C VAL A 100 5.27 -5.42 5.72
N ILE A 101 5.50 -4.16 5.30
CA ILE A 101 6.75 -3.49 5.65
C ILE A 101 6.83 -3.21 7.16
N ARG A 102 8.00 -3.47 7.76
CA ARG A 102 8.17 -3.23 9.18
C ARG A 102 8.91 -1.93 9.43
N LEU A 103 8.23 -0.96 10.01
CA LEU A 103 8.72 0.33 10.43
C LEU A 103 9.89 0.11 11.43
N LEU A 104 11.01 0.81 11.27
CA LEU A 104 12.14 0.68 12.19
C LEU A 104 12.03 1.65 13.39
N GLY A 105 11.46 2.81 13.16
CA GLY A 105 11.30 3.81 14.20
C GLY A 105 10.93 5.16 13.64
N VAL A 106 10.92 6.18 14.50
CA VAL A 106 10.54 7.52 14.09
C VAL A 106 11.61 8.52 14.58
N CYS A 107 12.03 9.44 13.74
CA CYS A 107 12.93 10.51 14.14
C CYS A 107 12.12 11.79 14.15
N ILE A 108 12.39 12.70 15.08
CA ILE A 108 11.67 13.97 15.16
C ILE A 108 12.63 15.15 14.88
N GLU A 109 12.13 16.22 14.27
CA GLU A 109 12.94 17.39 13.96
C GLU A 109 12.37 18.65 14.58
N ILE A 115 8.55 23.51 16.76
CA ILE A 115 7.57 22.66 16.06
C ILE A 115 8.18 21.32 15.67
N PRO A 116 7.62 20.20 16.18
CA PRO A 116 8.20 18.88 15.86
C PRO A 116 7.81 18.34 14.48
N LYS A 117 8.82 17.95 13.68
CA LYS A 117 8.64 17.40 12.33
C LYS A 117 8.99 15.91 12.32
N PRO A 118 7.99 15.03 12.39
CA PRO A 118 8.29 13.59 12.43
C PRO A 118 8.61 12.94 11.07
N MET A 119 9.51 11.95 11.08
CA MET A 119 9.98 11.23 9.90
C MET A 119 9.98 9.75 10.24
N VAL A 120 9.39 8.89 9.40
CA VAL A 120 9.38 7.45 9.72
C VAL A 120 10.56 6.75 8.99
N ILE A 121 11.26 5.89 9.72
CA ILE A 121 12.42 5.20 9.22
C ILE A 121 11.99 3.82 8.83
N LEU A 122 12.31 3.42 7.61
CA LEU A 122 11.91 2.15 7.05
C LEU A 122 13.10 1.39 6.49
N PRO A 123 13.01 0.05 6.36
CA PRO A 123 14.07 -0.67 5.65
C PRO A 123 14.06 -0.29 4.16
N PHE A 124 15.24 -0.30 3.52
CA PHE A 124 15.35 0.06 2.11
C PHE A 124 14.99 -1.13 1.26
N MET A 125 13.96 -0.98 0.40
CA MET A 125 13.45 -2.00 -0.53
C MET A 125 14.11 -1.77 -1.89
N LYS A 126 15.15 -2.54 -2.17
CA LYS A 126 16.01 -2.45 -3.34
C LYS A 126 15.29 -2.09 -4.67
N TYR A 127 14.29 -2.90 -5.03
CA TYR A 127 13.60 -2.74 -6.29
C TYR A 127 12.56 -1.62 -6.36
N GLY A 128 12.32 -0.90 -5.27
CA GLY A 128 11.34 0.18 -5.27
C GLY A 128 9.90 -0.33 -5.33
N ASP A 129 8.97 0.55 -5.74
CA ASP A 129 7.54 0.17 -5.76
C ASP A 129 7.17 -0.71 -6.93
N LEU A 130 6.13 -1.52 -6.76
CA LEU A 130 5.62 -2.45 -7.74
C LEU A 130 5.10 -1.79 -9.00
N HIS A 131 4.44 -0.64 -8.87
CA HIS A 131 3.89 0.04 -10.04
C HIS A 131 5.00 0.42 -11.04
N THR A 132 6.06 1.09 -10.57
CA THR A 132 7.16 1.50 -11.43
C THR A 132 7.88 0.29 -11.99
N TYR A 133 8.04 -0.77 -11.18
CA TYR A 133 8.63 -2.04 -11.61
C TYR A 133 7.85 -2.63 -12.80
N LEU A 134 6.50 -2.65 -12.75
CA LEU A 134 5.68 -3.16 -13.86
C LEU A 134 5.96 -2.35 -15.14
N LEU A 135 6.03 -0.99 -15.02
CA LEU A 135 6.32 -0.13 -16.16
C LEU A 135 7.69 -0.44 -16.72
N TYR A 136 8.71 -0.52 -15.86
CA TYR A 136 10.08 -0.82 -16.32
C TYR A 136 10.16 -2.15 -17.06
N SER A 137 9.36 -3.14 -16.64
CA SER A 137 9.34 -4.47 -17.25
C SER A 137 8.90 -4.41 -18.73
N ARG A 138 8.18 -3.36 -19.13
CA ARG A 138 7.76 -3.19 -20.51
C ARG A 138 8.86 -2.51 -21.38
N LEU A 139 10.08 -2.30 -20.82
CA LEU A 139 11.23 -1.74 -21.51
C LEU A 139 12.29 -2.85 -21.68
N GLU A 140 13.07 -2.81 -22.76
CA GLU A 140 14.13 -3.79 -23.00
C GLU A 140 15.16 -3.83 -21.86
N THR A 141 15.54 -2.67 -21.31
CA THR A 141 16.54 -2.60 -20.23
C THR A 141 16.03 -2.97 -18.84
N GLY A 142 14.72 -2.93 -18.65
CA GLY A 142 14.16 -3.21 -17.34
C GLY A 142 14.14 -4.69 -17.03
N PRO A 143 13.45 -5.04 -15.93
CA PRO A 143 13.23 -6.47 -15.64
C PRO A 143 12.60 -7.17 -16.85
N LYS A 144 12.90 -8.45 -17.06
CA LYS A 144 12.35 -9.16 -18.20
C LYS A 144 10.82 -9.23 -18.14
N HIS A 145 10.17 -9.52 -19.27
CA HIS A 145 8.73 -9.73 -19.39
C HIS A 145 8.20 -10.58 -18.22
N ILE A 146 7.28 -10.03 -17.41
CA ILE A 146 6.81 -10.74 -16.24
C ILE A 146 5.80 -11.81 -16.65
N PRO A 147 6.07 -13.09 -16.33
CA PRO A 147 5.10 -14.15 -16.68
C PRO A 147 3.78 -14.01 -15.92
N LEU A 148 2.66 -14.54 -16.48
CA LEU A 148 1.33 -14.54 -15.86
C LEU A 148 1.37 -15.03 -14.42
N GLN A 149 2.10 -16.15 -14.20
CA GLN A 149 2.22 -16.77 -12.88
C GLN A 149 2.89 -15.86 -11.87
N THR A 150 3.87 -15.07 -12.30
CA THR A 150 4.55 -14.14 -11.40
C THR A 150 3.63 -12.95 -11.05
N LEU A 151 2.78 -12.52 -11.99
CA LEU A 151 1.80 -11.45 -11.75
C LEU A 151 0.80 -11.92 -10.68
N LEU A 152 0.30 -13.18 -10.80
CA LEU A 152 -0.61 -13.78 -9.81
C LEU A 152 0.05 -13.89 -8.46
N LYS A 153 1.34 -14.27 -8.42
CA LYS A 153 2.12 -14.39 -7.18
C LYS A 153 2.23 -13.02 -6.47
N PHE A 154 2.35 -11.92 -7.23
CA PHE A 154 2.35 -10.56 -6.66
C PHE A 154 0.98 -10.29 -5.97
N MET A 155 -0.11 -10.70 -6.61
CA MET A 155 -1.45 -10.53 -6.06
C MET A 155 -1.65 -11.35 -4.78
N VAL A 156 -1.14 -12.59 -4.73
CA VAL A 156 -1.20 -13.46 -3.53
C VAL A 156 -0.46 -12.78 -2.40
N ASP A 157 0.74 -12.28 -2.68
CA ASP A 157 1.55 -11.57 -1.68
C ASP A 157 0.77 -10.38 -1.05
N ILE A 158 0.13 -9.52 -1.88
CA ILE A 158 -0.63 -8.37 -1.41
C ILE A 158 -1.83 -8.85 -0.59
N ALA A 159 -2.53 -9.90 -1.07
CA ALA A 159 -3.67 -10.44 -0.33
C ALA A 159 -3.24 -10.99 1.03
N LEU A 160 -2.04 -11.59 1.13
CA LEU A 160 -1.53 -12.14 2.39
C LEU A 160 -1.25 -10.99 3.37
N GLY A 161 -0.67 -9.90 2.86
CA GLY A 161 -0.37 -8.75 3.68
C GLY A 161 -1.63 -8.06 4.14
N MET A 162 -2.61 -7.95 3.25
CA MET A 162 -3.88 -7.32 3.60
C MET A 162 -4.70 -8.17 4.57
N GLU A 163 -4.60 -9.50 4.46
CA GLU A 163 -5.27 -10.43 5.37
C GLU A 163 -4.72 -10.23 6.79
N TYR A 164 -3.38 -10.09 6.92
CA TYR A 164 -2.71 -9.82 8.18
C TYR A 164 -3.17 -8.49 8.79
N LEU A 165 -3.15 -7.40 8.00
CA LEU A 165 -3.58 -6.09 8.50
C LEU A 165 -5.07 -6.10 8.88
N SER A 166 -5.89 -6.72 8.06
CA SER A 166 -7.34 -6.84 8.25
C SER A 166 -7.68 -7.64 9.51
N ASN A 167 -6.87 -8.67 9.83
CA ASN A 167 -7.02 -9.46 11.04
C ASN A 167 -6.64 -8.68 12.30
N ARG A 168 -5.79 -7.66 12.16
CA ARG A 168 -5.44 -6.78 13.28
C ARG A 168 -6.37 -5.54 13.32
N ASN A 169 -7.50 -5.56 12.59
CA ASN A 169 -8.47 -4.49 12.52
C ASN A 169 -7.91 -3.18 11.99
N PHE A 170 -6.99 -3.27 11.02
CA PHE A 170 -6.46 -2.09 10.40
C PHE A 170 -7.15 -1.83 9.10
N LEU A 171 -7.40 -0.55 8.80
CA LEU A 171 -7.86 -0.06 7.53
C LEU A 171 -6.64 0.56 6.89
N HIS A 172 -6.34 0.21 5.64
CA HIS A 172 -5.18 0.75 4.94
C HIS A 172 -5.52 2.14 4.37
N ARG A 173 -6.63 2.24 3.62
CA ARG A 173 -7.22 3.43 3.00
C ARG A 173 -6.40 4.06 1.85
N ASP A 174 -5.31 3.42 1.39
CA ASP A 174 -4.55 3.95 0.25
C ASP A 174 -3.89 2.79 -0.52
N LEU A 175 -4.61 1.66 -0.67
CA LEU A 175 -4.03 0.50 -1.34
C LEU A 175 -3.99 0.71 -2.84
N ALA A 176 -2.82 0.53 -3.42
CA ALA A 176 -2.53 0.69 -4.86
C ALA A 176 -1.16 0.09 -5.13
N ALA A 177 -0.86 -0.25 -6.38
CA ALA A 177 0.44 -0.86 -6.72
C ALA A 177 1.63 0.05 -6.39
N ARG A 178 1.46 1.39 -6.49
CA ARG A 178 2.54 2.33 -6.16
C ARG A 178 2.88 2.31 -4.64
N ASN A 179 1.97 1.78 -3.80
CA ASN A 179 2.20 1.71 -2.37
C ASN A 179 2.63 0.32 -1.90
N CYS A 180 2.93 -0.60 -2.83
CA CYS A 180 3.44 -1.93 -2.51
C CYS A 180 4.89 -1.96 -2.97
N MET A 181 5.76 -2.51 -2.13
CA MET A 181 7.19 -2.52 -2.38
C MET A 181 7.74 -3.90 -2.72
N LEU A 182 8.86 -3.94 -3.46
CA LEU A 182 9.48 -5.22 -3.80
C LEU A 182 10.76 -5.41 -3.02
N ARG A 183 10.84 -6.48 -2.23
CA ARG A 183 12.05 -6.79 -1.47
C ARG A 183 13.12 -7.37 -2.42
N ASP A 184 14.39 -7.50 -1.98
CA ASP A 184 15.46 -8.05 -2.83
C ASP A 184 15.19 -9.49 -3.32
N ASP A 185 14.28 -10.22 -2.67
CA ASP A 185 13.91 -11.56 -3.09
C ASP A 185 12.63 -11.61 -3.95
N MET A 186 12.13 -10.44 -4.37
CA MET A 186 10.94 -10.27 -5.19
C MET A 186 9.63 -10.62 -4.50
N THR A 187 9.59 -10.57 -3.17
CA THR A 187 8.33 -10.76 -2.46
C THR A 187 7.76 -9.34 -2.33
N VAL A 188 6.47 -9.18 -2.57
CA VAL A 188 5.83 -7.88 -2.45
C VAL A 188 5.38 -7.65 -1.01
N CYS A 189 5.57 -6.44 -0.49
CA CYS A 189 5.04 -6.09 0.81
C CYS A 189 4.18 -4.82 0.75
N VAL A 190 3.08 -4.80 1.49
CA VAL A 190 2.20 -3.65 1.55
C VAL A 190 2.92 -2.56 2.36
N ALA A 191 2.86 -1.33 1.87
CA ALA A 191 3.56 -0.23 2.51
C ALA A 191 2.64 1.06 2.51
N ASP A 192 3.17 2.30 2.65
CA ASP A 192 2.45 3.57 2.78
C ASP A 192 1.29 3.52 3.76
N PHE A 193 1.62 3.50 5.04
CA PHE A 193 0.61 3.48 6.08
C PHE A 193 0.22 4.88 6.54
N GLY A 194 0.50 5.90 5.74
CA GLY A 194 0.19 7.30 6.04
C GLY A 194 -1.26 7.60 6.36
N LEU A 195 -2.22 6.84 5.79
CA LEU A 195 -3.64 7.03 6.12
C LEU A 195 -4.22 5.81 6.84
N SER A 196 -3.40 4.88 7.31
CA SER A 196 -3.85 3.66 7.94
C SER A 196 -4.30 3.89 9.37
N LYS A 197 -5.40 3.23 9.77
CA LYS A 197 -5.88 3.39 11.13
C LYS A 197 -6.63 2.17 11.58
N LYS A 198 -6.63 1.92 12.88
CA LYS A 198 -7.40 0.82 13.46
C LYS A 198 -8.89 1.20 13.32
N ILE A 199 -9.78 0.21 13.10
CA ILE A 199 -11.22 0.50 13.05
C ILE A 199 -11.63 1.06 14.45
N TYR A 200 -12.49 2.04 14.47
CA TYR A 200 -12.95 2.63 15.73
C TYR A 200 -12.02 3.71 16.28
N SER A 201 -10.72 3.73 15.91
CA SER A 201 -9.81 4.74 16.43
C SER A 201 -10.13 6.14 15.88
N GLY A 202 -9.67 7.17 16.59
CA GLY A 202 -9.89 8.55 16.18
C GLY A 202 -9.21 8.83 14.86
N ASP A 203 -9.85 9.65 14.01
CA ASP A 203 -9.28 9.96 12.71
C ASP A 203 -8.41 11.20 12.82
N TYR A 204 -7.13 10.95 13.17
CA TYR A 204 -5.96 11.80 13.39
C TYR A 204 -5.91 13.09 12.58
N TYR A 205 -6.25 13.02 11.29
CA TYR A 205 -6.24 14.20 10.43
C TYR A 205 -7.53 15.02 10.57
N GLY A 208 -8.83 16.81 4.67
CA GLY A 208 -7.43 17.24 4.61
C GLY A 208 -6.58 16.30 3.78
N ARG A 209 -5.82 15.43 4.44
CA ARG A 209 -4.97 14.47 3.73
C ARG A 209 -5.80 13.37 3.05
N ILE A 210 -6.98 13.02 3.61
CA ILE A 210 -7.87 11.99 3.07
C ILE A 210 -8.56 12.45 1.79
N ALA A 211 -9.10 13.67 1.79
CA ALA A 211 -9.86 14.22 0.67
C ALA A 211 -9.09 14.37 -0.64
N LYS A 212 -7.73 14.32 -0.60
CA LYS A 212 -6.96 14.46 -1.84
C LYS A 212 -6.47 13.12 -2.43
N MET A 213 -6.97 11.98 -1.93
CA MET A 213 -6.57 10.65 -2.40
C MET A 213 -7.13 10.31 -3.77
N PRO A 214 -6.41 9.47 -4.55
CA PRO A 214 -6.84 9.20 -5.93
C PRO A 214 -8.16 8.49 -6.02
N VAL A 215 -9.10 9.17 -6.64
CA VAL A 215 -10.49 8.78 -6.83
C VAL A 215 -10.65 7.39 -7.48
N LYS A 216 -9.74 6.99 -8.41
CA LYS A 216 -9.89 5.72 -9.14
C LYS A 216 -9.60 4.45 -8.34
N TRP A 217 -9.22 4.59 -7.06
CA TRP A 217 -9.03 3.45 -6.19
C TRP A 217 -10.09 3.42 -5.05
N ILE A 218 -10.99 4.42 -5.00
CA ILE A 218 -11.97 4.55 -3.92
C ILE A 218 -13.29 3.85 -4.20
N ALA A 219 -13.73 3.02 -3.25
CA ALA A 219 -14.98 2.29 -3.38
C ALA A 219 -16.15 3.23 -3.60
N ILE A 220 -17.18 2.79 -4.33
CA ILE A 220 -18.32 3.62 -4.65
C ILE A 220 -18.99 4.25 -3.40
N GLU A 221 -19.15 3.48 -2.31
CA GLU A 221 -19.75 3.99 -1.06
C GLU A 221 -18.82 4.97 -0.32
N SER A 222 -17.51 4.88 -0.55
CA SER A 222 -16.54 5.77 0.04
C SER A 222 -16.39 7.07 -0.78
N LEU A 223 -16.84 7.11 -2.04
CA LEU A 223 -16.82 8.34 -2.83
C LEU A 223 -18.03 9.19 -2.36
N ALA A 224 -19.20 8.54 -2.15
CA ALA A 224 -20.43 9.19 -1.73
C ALA A 224 -20.39 9.72 -0.30
N ASP A 225 -19.67 9.04 0.64
CA ASP A 225 -19.65 9.50 2.03
C ASP A 225 -18.25 9.73 2.66
N ARG A 226 -17.17 9.39 1.93
CA ARG A 226 -15.75 9.45 2.32
C ARG A 226 -15.43 8.65 3.61
N VAL A 227 -16.26 7.63 3.88
CA VAL A 227 -16.16 6.70 5.00
C VAL A 227 -15.63 5.37 4.48
N TYR A 228 -14.62 4.81 5.17
CA TYR A 228 -14.00 3.58 4.72
C TYR A 228 -14.19 2.44 5.69
N THR A 229 -14.30 1.22 5.16
CA THR A 229 -14.37 -0.01 5.95
C THR A 229 -13.34 -1.01 5.35
N SER A 230 -13.24 -2.24 5.90
CA SER A 230 -12.37 -3.27 5.36
C SER A 230 -12.80 -3.63 3.93
N LYS A 231 -14.11 -3.48 3.62
CA LYS A 231 -14.68 -3.71 2.29
C LYS A 231 -14.26 -2.63 1.29
N SER A 232 -13.89 -1.42 1.75
CA SER A 232 -13.35 -0.35 0.90
C SER A 232 -11.91 -0.73 0.48
N ASP A 233 -11.15 -1.39 1.39
CA ASP A 233 -9.82 -1.89 1.09
C ASP A 233 -9.91 -3.04 0.08
N VAL A 234 -10.94 -3.90 0.21
CA VAL A 234 -11.16 -5.02 -0.71
C VAL A 234 -11.38 -4.45 -2.14
N TRP A 235 -12.17 -3.37 -2.26
CA TRP A 235 -12.41 -2.71 -3.54
C TRP A 235 -11.06 -2.23 -4.15
N ALA A 236 -10.26 -1.52 -3.37
CA ALA A 236 -8.94 -1.01 -3.77
C ALA A 236 -8.02 -2.15 -4.14
N PHE A 237 -8.15 -3.31 -3.45
CA PHE A 237 -7.36 -4.50 -3.76
C PHE A 237 -7.72 -4.99 -5.17
N GLY A 238 -9.01 -5.01 -5.51
CA GLY A 238 -9.46 -5.39 -6.84
C GLY A 238 -8.85 -4.49 -7.90
N VAL A 239 -8.86 -3.16 -7.64
CA VAL A 239 -8.24 -2.20 -8.55
C VAL A 239 -6.72 -2.48 -8.71
N THR A 240 -6.02 -2.78 -7.61
CA THR A 240 -4.59 -3.10 -7.59
C THR A 240 -4.28 -4.36 -8.38
N MET A 241 -5.15 -5.39 -8.30
CA MET A 241 -4.98 -6.61 -9.11
C MET A 241 -5.10 -6.25 -10.60
N TRP A 242 -6.06 -5.40 -10.97
CA TRP A 242 -6.24 -4.96 -12.36
C TRP A 242 -4.95 -4.20 -12.84
N GLU A 243 -4.38 -3.35 -11.98
CA GLU A 243 -3.13 -2.64 -12.29
C GLU A 243 -1.99 -3.65 -12.58
N ILE A 244 -1.90 -4.70 -11.76
CA ILE A 244 -0.86 -5.71 -11.94
C ILE A 244 -1.09 -6.47 -13.25
N ALA A 245 -2.35 -6.89 -13.52
CA ALA A 245 -2.70 -7.63 -14.74
C ALA A 245 -2.50 -6.81 -16.04
N THR A 246 -2.69 -5.48 -16.00
CA THR A 246 -2.42 -4.62 -17.15
C THR A 246 -0.97 -4.12 -17.22
N ARG A 247 -0.10 -4.55 -16.28
CA ARG A 247 1.29 -4.15 -16.19
C ARG A 247 1.45 -2.63 -16.01
N GLY A 248 0.62 -2.05 -15.14
CA GLY A 248 0.74 -0.65 -14.77
C GLY A 248 -0.13 0.39 -15.45
N MET A 249 -1.17 -0.02 -16.16
CA MET A 249 -2.08 0.94 -16.79
C MET A 249 -2.90 1.68 -15.71
N THR A 250 -3.22 2.95 -15.95
CA THR A 250 -4.07 3.72 -15.06
C THR A 250 -5.48 3.16 -15.15
N PRO A 251 -6.13 2.95 -13.99
CA PRO A 251 -7.51 2.43 -14.03
C PRO A 251 -8.45 3.29 -14.88
N TYR A 252 -9.41 2.63 -15.53
CA TYR A 252 -10.46 3.25 -16.31
C TYR A 252 -9.93 4.15 -17.43
N PRO A 253 -9.26 3.57 -18.44
CA PRO A 253 -8.86 4.39 -19.59
C PRO A 253 -10.08 5.00 -20.27
N GLY A 254 -9.98 6.26 -20.66
CA GLY A 254 -11.08 6.97 -21.29
C GLY A 254 -12.05 7.61 -20.32
N VAL A 255 -11.86 7.41 -18.99
CA VAL A 255 -12.75 7.96 -17.98
C VAL A 255 -12.02 8.98 -17.12
N GLN A 256 -12.54 10.21 -17.03
CA GLN A 256 -11.89 11.25 -16.25
C GLN A 256 -12.23 11.13 -14.78
N ASN A 257 -11.32 11.57 -13.90
CA ASN A 257 -11.51 11.53 -12.46
C ASN A 257 -12.81 12.15 -12.00
N HIS A 258 -13.21 13.30 -12.57
CA HIS A 258 -14.46 13.96 -12.19
C HIS A 258 -15.72 13.17 -12.57
N GLU A 259 -15.62 12.24 -13.53
CA GLU A 259 -16.79 11.42 -13.91
C GLU A 259 -16.89 10.11 -13.16
N MET A 260 -15.88 9.75 -12.34
CA MET A 260 -15.83 8.45 -11.71
C MET A 260 -17.05 8.04 -10.89
N TYR A 261 -17.55 8.91 -10.00
CA TYR A 261 -18.69 8.54 -9.18
C TYR A 261 -19.93 8.18 -10.02
N ASP A 262 -20.26 9.03 -10.99
CA ASP A 262 -21.41 8.84 -11.88
C ASP A 262 -21.21 7.56 -12.71
N TYR A 263 -19.96 7.32 -13.16
CA TYR A 263 -19.61 6.13 -13.92
C TYR A 263 -19.89 4.87 -13.11
N LEU A 264 -19.47 4.83 -11.85
CA LEU A 264 -19.70 3.66 -11.00
C LEU A 264 -21.17 3.52 -10.59
N LEU A 265 -21.87 4.66 -10.42
CA LEU A 265 -23.28 4.71 -10.07
C LEU A 265 -24.12 4.03 -11.18
N HIS A 266 -23.68 4.12 -12.45
CA HIS A 266 -24.34 3.46 -13.57
C HIS A 266 -23.98 1.97 -13.74
N GLY A 267 -23.25 1.39 -12.78
CA GLY A 267 -22.88 -0.02 -12.79
C GLY A 267 -21.64 -0.40 -13.57
N HIS A 268 -20.94 0.58 -14.16
CA HIS A 268 -19.73 0.28 -14.94
C HIS A 268 -18.57 -0.04 -14.01
N ARG A 269 -17.73 -0.99 -14.43
CA ARG A 269 -16.57 -1.40 -13.64
C ARG A 269 -15.35 -1.57 -14.56
N LEU A 270 -14.14 -1.81 -13.97
CA LEU A 270 -12.91 -2.07 -14.74
C LEU A 270 -13.10 -3.22 -15.70
N LYS A 271 -12.65 -3.06 -16.93
CA LYS A 271 -12.81 -4.07 -17.98
C LYS A 271 -11.75 -5.14 -17.87
N GLN A 272 -12.06 -6.33 -18.38
CA GLN A 272 -11.10 -7.43 -18.35
C GLN A 272 -9.87 -7.14 -19.18
N PRO A 273 -8.68 -7.20 -18.56
CA PRO A 273 -7.45 -6.96 -19.32
C PRO A 273 -7.19 -8.08 -20.33
N GLU A 274 -6.43 -7.77 -21.39
CA GLU A 274 -6.04 -8.77 -22.39
C GLU A 274 -5.21 -9.87 -21.68
N ASP A 275 -5.50 -11.15 -21.98
CA ASP A 275 -4.82 -12.33 -21.43
C ASP A 275 -5.03 -12.54 -19.94
N CYS A 276 -6.04 -11.91 -19.35
CA CYS A 276 -6.34 -12.10 -17.93
C CYS A 276 -7.25 -13.28 -17.91
N LEU A 277 -6.89 -14.35 -17.17
CA LEU A 277 -7.74 -15.55 -17.04
C LEU A 277 -9.17 -15.17 -16.60
N ASP A 278 -10.18 -15.86 -17.13
CA ASP A 278 -11.56 -15.56 -16.77
C ASP A 278 -11.79 -15.74 -15.26
N GLU A 279 -11.11 -16.71 -14.65
CA GLU A 279 -11.22 -17.01 -13.23
C GLU A 279 -10.66 -15.87 -12.39
N LEU A 280 -9.53 -15.30 -12.83
CA LEU A 280 -8.90 -14.17 -12.16
C LEU A 280 -9.77 -12.93 -12.24
N TYR A 281 -10.38 -12.69 -13.41
CA TYR A 281 -11.25 -11.52 -13.57
C TYR A 281 -12.49 -11.62 -12.70
N GLU A 282 -13.04 -12.85 -12.54
CA GLU A 282 -14.20 -13.03 -11.66
C GLU A 282 -13.85 -12.72 -10.20
N ILE A 283 -12.61 -12.98 -9.79
CA ILE A 283 -12.12 -12.64 -8.45
C ILE A 283 -12.03 -11.11 -8.32
N MET A 284 -11.49 -10.40 -9.34
CA MET A 284 -11.41 -8.93 -9.30
C MET A 284 -12.78 -8.32 -9.23
N TYR A 285 -13.72 -8.78 -10.09
CA TYR A 285 -15.08 -8.22 -10.17
C TYR A 285 -15.84 -8.41 -8.84
N SER A 286 -15.54 -9.48 -8.10
CA SER A 286 -16.19 -9.70 -6.79
C SER A 286 -15.80 -8.59 -5.77
N CYS A 287 -14.64 -7.93 -5.98
CA CYS A 287 -14.20 -6.82 -5.13
C CYS A 287 -15.00 -5.55 -5.36
N TRP A 288 -15.74 -5.46 -6.48
CA TRP A 288 -16.44 -4.23 -6.83
C TRP A 288 -17.97 -4.34 -6.77
N ARG A 289 -18.51 -5.30 -6.03
CA ARG A 289 -19.97 -5.42 -5.86
C ARG A 289 -20.51 -4.15 -5.18
N THR A 290 -21.66 -3.67 -5.62
CA THR A 290 -22.21 -2.41 -5.11
C THR A 290 -22.38 -2.41 -3.57
N ASP A 291 -22.87 -3.50 -3.01
CA ASP A 291 -23.06 -3.60 -1.57
C ASP A 291 -21.77 -4.11 -1.01
N PRO A 292 -21.13 -3.33 -0.11
CA PRO A 292 -19.86 -3.78 0.49
C PRO A 292 -19.94 -5.16 1.13
N LEU A 293 -21.11 -5.50 1.68
CA LEU A 293 -21.30 -6.80 2.34
C LEU A 293 -21.29 -7.97 1.37
N ASP A 294 -21.53 -7.73 0.08
CA ASP A 294 -21.43 -8.79 -0.93
C ASP A 294 -19.98 -9.07 -1.34
N ARG A 295 -19.03 -8.16 -1.05
CA ARG A 295 -17.63 -8.38 -1.39
C ARG A 295 -17.00 -9.40 -0.46
N PRO A 296 -16.07 -10.21 -0.96
CA PRO A 296 -15.42 -11.20 -0.07
C PRO A 296 -14.44 -10.56 0.91
N THR A 297 -13.96 -11.33 1.88
CA THR A 297 -12.96 -10.86 2.83
C THR A 297 -11.56 -11.12 2.22
N PHE A 298 -10.50 -10.58 2.85
CA PHE A 298 -9.15 -10.84 2.35
C PHE A 298 -8.80 -12.32 2.50
N SER A 299 -9.25 -12.97 3.58
CA SER A 299 -8.99 -14.42 3.77
C SER A 299 -9.54 -15.25 2.62
N VAL A 300 -10.77 -14.97 2.18
CA VAL A 300 -11.39 -15.68 1.07
C VAL A 300 -10.65 -15.37 -0.25
N LEU A 301 -10.36 -14.07 -0.53
CA LEU A 301 -9.63 -13.65 -1.73
C LEU A 301 -8.29 -14.33 -1.82
N ARG A 302 -7.51 -14.30 -0.73
CA ARG A 302 -6.19 -14.91 -0.65
C ARG A 302 -6.26 -16.42 -0.98
N LEU A 303 -7.27 -17.15 -0.47
CA LEU A 303 -7.41 -18.57 -0.74
C LEU A 303 -7.81 -18.81 -2.20
N GLN A 304 -8.74 -18.00 -2.73
CA GLN A 304 -9.12 -18.13 -4.15
C GLN A 304 -7.94 -17.88 -5.10
N LEU A 305 -7.04 -16.96 -4.75
CA LEU A 305 -5.88 -16.65 -5.58
C LEU A 305 -4.82 -17.75 -5.46
N GLU A 306 -4.63 -18.28 -4.25
CA GLU A 306 -3.66 -19.36 -4.01
C GLU A 306 -4.08 -20.64 -4.76
N LYS A 307 -5.37 -20.93 -4.79
CA LYS A 307 -5.94 -22.09 -5.49
C LYS A 307 -5.77 -21.97 -6.99
N LEU A 308 -6.00 -20.75 -7.55
CA LEU A 308 -5.84 -20.49 -8.97
C LEU A 308 -4.38 -20.62 -9.38
N LEU A 309 -3.46 -20.10 -8.56
CA LEU A 309 -2.02 -20.18 -8.83
C LEU A 309 -1.52 -21.63 -8.81
N GLU A 310 -2.03 -22.43 -7.85
CA GLU A 310 -1.71 -23.85 -7.70
C GLU A 310 -2.16 -24.63 -8.96
N SER A 311 -3.31 -24.26 -9.54
CA SER A 311 -3.87 -24.91 -10.72
C SER A 311 -3.17 -24.56 -12.05
N LEU A 312 -2.17 -23.68 -12.02
CA LEU A 312 -1.46 -23.28 -13.23
C LEU A 312 -0.14 -24.03 -13.34
N PRO A 313 0.34 -24.28 -14.56
CA PRO A 313 1.63 -24.95 -14.72
C PRO A 313 2.83 -24.08 -14.32
N ASP A 314 4.03 -24.68 -14.25
CA ASP A 314 5.23 -23.93 -13.90
C ASP A 314 5.72 -23.06 -15.07
N VAL A 315 6.53 -22.03 -14.78
CA VAL A 315 7.04 -21.16 -15.83
C VAL A 315 8.54 -21.42 -16.08
#